data_6CAM
#
_entry.id   6CAM
#
_cell.length_a   210.020
_cell.length_b   47.940
_cell.length_c   40.089
_cell.angle_alpha   90.00
_cell.angle_beta   96.34
_cell.angle_gamma   90.00
#
_symmetry.space_group_name_H-M   'C 1 2 1'
#
loop_
_entity.id
_entity.type
_entity.pdbx_description
1 polymer 'Glucan-binding protein C'
2 non-polymer 'CALCIUM ION'
3 non-polymer beta-D-glucopyranose
4 water water
#
_entity_poly.entity_id   1
_entity_poly.type   'polypeptide(L)'
_entity_poly.pdbx_seq_one_letter_code
;NTAVADYQKAKAEFPQKQEQYNKDFEKYQSDVKEYEAQKAAYEQYKKEVAQGLASGRVEKAQGLVFINEPEAKLSIEGVN
QYLTKEARQKHATEDILQQYNTDNYTASDFTQANPYDPKEDTWFKMKVGDQISVTYDNIVNSKYNDKKISKVKINYTLNS
STNNEGSALVNLFHDPTKTIFIGAQTSNAGRNDKISVTMQIIFYDENGNEIDLSGNNAIMSLSSLNHWTTKYGDHVEKVN
LGDNEFVKIPGSSVDLHGNEIYSAKDNQYKANGATFNGDGADGWDAVNADGTPRAATAYYGAGAMTYKGEPFTFTVGGND
QNLPTTIWFATNSAVAVPKDPGAKPTPPEKPELK
;
_entity_poly.pdbx_strand_id   A
#
# COMPACT_ATOMS: atom_id res chain seq x y z
N THR A 2 -58.97 1.48 3.52
CA THR A 2 -57.73 1.90 4.27
C THR A 2 -57.06 0.74 5.02
N ALA A 3 -57.84 0.03 5.86
CA ALA A 3 -57.36 -1.22 6.44
C ALA A 3 -57.02 -2.21 5.33
N VAL A 4 -57.86 -2.25 4.28
CA VAL A 4 -57.60 -3.07 3.10
C VAL A 4 -56.31 -2.64 2.40
N ALA A 5 -56.17 -1.35 2.16
CA ALA A 5 -54.98 -0.80 1.52
C ALA A 5 -53.75 -1.23 2.30
N ASP A 6 -53.77 -0.95 3.60
CA ASP A 6 -52.67 -1.28 4.50
C ASP A 6 -52.35 -2.77 4.47
N TYR A 7 -53.39 -3.59 4.58
CA TYR A 7 -53.21 -5.04 4.62
C TYR A 7 -52.56 -5.58 3.34
N GLN A 8 -53.09 -5.21 2.18
CA GLN A 8 -52.59 -5.75 0.91
C GLN A 8 -51.15 -5.30 0.63
N LYS A 9 -50.83 -4.07 1.01
CA LYS A 9 -49.47 -3.53 0.90
C LYS A 9 -48.50 -4.32 1.79
N ALA A 10 -48.86 -4.51 3.05
CA ALA A 10 -48.02 -5.27 3.97
C ALA A 10 -47.83 -6.69 3.46
N LYS A 11 -48.90 -7.28 2.93
CA LYS A 11 -48.85 -8.63 2.38
C LYS A 11 -47.98 -8.72 1.13
N ALA A 12 -48.19 -7.77 0.21
CA ALA A 12 -47.47 -7.74 -1.05
C ALA A 12 -45.97 -7.49 -0.82
N GLU A 13 -45.67 -6.59 0.11
CA GLU A 13 -44.28 -6.23 0.42
C GLU A 13 -43.53 -7.25 1.27
N PHE A 14 -44.25 -8.11 2.00
CA PHE A 14 -43.61 -8.98 3.00
C PHE A 14 -42.48 -9.87 2.42
N PRO A 15 -42.71 -10.53 1.27
CA PRO A 15 -41.65 -11.30 0.62
C PRO A 15 -40.36 -10.49 0.42
N GLN A 16 -40.51 -9.27 -0.09
CA GLN A 16 -39.38 -8.35 -0.27
C GLN A 16 -38.70 -8.01 1.05
N LYS A 17 -39.52 -7.70 2.07
CA LYS A 17 -38.99 -7.40 3.40
C LYS A 17 -38.19 -8.58 3.99
N GLN A 18 -38.68 -9.80 3.80
CA GLN A 18 -37.94 -10.98 4.25
C GLN A 18 -36.66 -11.19 3.47
N GLU A 19 -36.71 -10.96 2.16
CA GLU A 19 -35.52 -11.00 1.30
C GLU A 19 -34.47 -10.05 1.88
N GLN A 20 -34.88 -8.81 2.10
CA GLN A 20 -33.99 -7.78 2.61
C GLN A 20 -33.49 -8.12 4.00
N TYR A 21 -34.40 -8.58 4.87
CA TYR A 21 -34.01 -9.08 6.17
C TYR A 21 -32.91 -10.14 6.08
N ASN A 22 -33.10 -11.12 5.20
CA ASN A 22 -32.11 -12.18 5.01
C ASN A 22 -30.72 -11.60 4.64
N LYS A 23 -30.72 -10.72 3.66
CA LYS A 23 -29.53 -9.97 3.23
C LYS A 23 -28.92 -9.22 4.41
N ASP A 24 -29.75 -8.46 5.12
CA ASP A 24 -29.27 -7.67 6.27
C ASP A 24 -28.74 -8.50 7.41
N PHE A 25 -29.32 -9.68 7.62
CA PHE A 25 -28.85 -10.58 8.65
C PHE A 25 -27.49 -11.23 8.33
N GLU A 26 -27.34 -11.70 7.09
CA GLU A 26 -26.05 -12.21 6.64
C GLU A 26 -24.98 -11.14 6.75
N LYS A 27 -25.34 -9.90 6.38
CA LYS A 27 -24.45 -8.76 6.55
C LYS A 27 -24.11 -8.54 8.02
N TYR A 28 -25.13 -8.60 8.87
CA TYR A 28 -24.91 -8.50 10.32
C TYR A 28 -23.96 -9.58 10.84
N GLN A 29 -24.15 -10.82 10.41
CA GLN A 29 -23.26 -11.89 10.86
C GLN A 29 -21.82 -11.67 10.40
N SER A 30 -21.68 -11.24 9.15
CA SER A 30 -20.39 -10.84 8.61
C SER A 30 -19.81 -9.66 9.40
N ASP A 31 -20.61 -8.62 9.57
CA ASP A 31 -20.19 -7.41 10.30
C ASP A 31 -19.74 -7.70 11.73
N VAL A 32 -20.34 -8.67 12.39
CA VAL A 32 -19.96 -9.01 13.76
C VAL A 32 -18.61 -9.70 13.81
N LYS A 33 -18.33 -10.59 12.87
CA LYS A 33 -17.02 -11.24 12.81
C LYS A 33 -15.97 -10.14 12.57
N GLU A 34 -16.27 -9.23 11.65
CA GLU A 34 -15.36 -8.12 11.36
C GLU A 34 -15.19 -7.23 12.57
N TYR A 35 -16.30 -6.88 13.20
CA TYR A 35 -16.29 -6.08 14.41
C TYR A 35 -15.46 -6.71 15.52
N GLU A 36 -15.65 -7.99 15.74
CA GLU A 36 -14.89 -8.67 16.81
C GLU A 36 -13.40 -8.64 16.53
N ALA A 37 -13.04 -8.93 15.29
CA ALA A 37 -11.65 -8.84 14.86
C ALA A 37 -11.08 -7.43 15.07
N GLN A 38 -11.80 -6.41 14.61
CA GLN A 38 -11.29 -5.03 14.74
C GLN A 38 -11.18 -4.64 16.18
N LYS A 39 -12.18 -5.07 16.94
CA LYS A 39 -12.22 -4.77 18.36
C LYS A 39 -11.06 -5.41 19.07
N ALA A 40 -10.83 -6.69 18.81
CA ALA A 40 -9.69 -7.39 19.39
C ALA A 40 -8.36 -6.71 19.05
N ALA A 41 -8.24 -6.25 17.80
CA ALA A 41 -6.98 -5.64 17.36
C ALA A 41 -6.80 -4.31 18.03
N TYR A 42 -7.87 -3.53 18.09
CA TYR A 42 -7.88 -2.24 18.75
C TYR A 42 -7.55 -2.34 20.22
N GLU A 43 -8.17 -3.29 20.90
CA GLU A 43 -7.92 -3.45 22.31
C GLU A 43 -6.46 -3.86 22.56
N GLN A 44 -5.91 -4.72 21.70
CA GLN A 44 -4.53 -5.15 21.85
C GLN A 44 -3.61 -3.99 21.60
N TYR A 45 -3.93 -3.20 20.58
CA TYR A 45 -3.18 -2.00 20.30
C TYR A 45 -3.18 -1.00 21.46
N LYS A 46 -4.38 -0.68 21.95
CA LYS A 46 -4.52 0.19 23.14
C LYS A 46 -3.71 -0.29 24.34
N LYS A 47 -3.69 -1.61 24.54
CA LYS A 47 -2.90 -2.27 25.59
C LYS A 47 -1.42 -2.07 25.34
N GLU A 48 -0.98 -2.31 24.11
CA GLU A 48 0.44 -2.18 23.78
C GLU A 48 0.94 -0.76 23.95
N VAL A 49 0.12 0.20 23.59
CA VAL A 49 0.46 1.61 23.76
C VAL A 49 0.51 1.90 25.25
N ALA A 50 -0.54 1.50 25.95
CA ALA A 50 -0.66 1.77 27.40
C ALA A 50 0.51 1.16 28.19
N GLN A 51 0.82 -0.09 27.88
CA GLN A 51 1.82 -0.83 28.64
C GLN A 51 3.23 -0.70 28.12
N GLY A 52 3.42 0.02 27.02
CA GLY A 52 4.73 0.15 26.42
C GLY A 52 5.28 -1.19 25.95
N LEU A 53 4.50 -1.93 25.19
CA LEU A 53 4.97 -3.13 24.54
C LEU A 53 5.55 -2.68 23.19
N ALA A 54 6.23 -3.57 22.48
CA ALA A 54 6.98 -3.14 21.27
C ALA A 54 6.10 -2.43 20.24
N SER A 55 4.89 -2.95 20.01
CA SER A 55 3.99 -2.31 19.04
C SER A 55 3.46 -0.94 19.43
N GLY A 56 3.47 -0.63 20.71
CA GLY A 56 3.13 0.71 21.16
C GLY A 56 4.09 1.79 20.69
N ARG A 57 5.27 1.41 20.21
CA ARG A 57 6.20 2.38 19.66
C ARG A 57 5.60 3.20 18.51
N VAL A 58 4.57 2.68 17.87
CA VAL A 58 3.92 3.44 16.79
C VAL A 58 3.42 4.78 17.31
N GLU A 59 2.81 4.78 18.49
CA GLU A 59 2.33 6.03 19.11
C GLU A 59 3.46 6.63 19.97
N LYS A 60 4.19 5.79 20.76
CA LYS A 60 5.11 6.32 21.74
C LYS A 60 6.42 6.81 21.18
N ALA A 61 6.92 6.20 20.10
CA ALA A 61 8.27 6.53 19.67
C ALA A 61 8.32 7.39 18.40
N GLN A 62 7.17 7.64 17.80
CA GLN A 62 7.11 8.33 16.51
C GLN A 62 7.58 9.76 16.63
N GLY A 63 8.71 10.05 16.01
CA GLY A 63 9.20 11.40 15.90
C GLY A 63 9.17 11.88 14.47
N LEU A 64 8.77 11.01 13.54
CA LEU A 64 8.75 11.37 12.15
C LEU A 64 7.36 11.82 11.74
N VAL A 65 7.29 12.97 11.05
CA VAL A 65 6.05 13.41 10.44
C VAL A 65 6.40 13.53 8.98
N PHE A 66 5.90 12.58 8.22
CA PHE A 66 6.27 12.49 6.83
C PHE A 66 5.10 11.81 6.18
N ILE A 67 4.08 12.60 5.88
CA ILE A 67 2.79 12.04 5.45
C ILE A 67 2.20 12.69 4.22
N ASN A 68 2.51 13.95 3.95
CA ASN A 68 1.80 14.67 2.88
C ASN A 68 2.77 15.73 2.39
N GLU A 69 3.31 15.54 1.20
CA GLU A 69 4.19 16.53 0.61
C GLU A 69 3.75 16.84 -0.80
N PRO A 70 2.63 17.57 -0.91
CA PRO A 70 2.04 17.75 -2.22
C PRO A 70 2.72 18.81 -3.07
N GLU A 71 3.71 19.51 -2.54
CA GLU A 71 4.43 20.51 -3.30
C GLU A 71 5.81 20.06 -3.70
N ALA A 72 6.17 18.82 -3.38
CA ALA A 72 7.50 18.33 -3.58
C ALA A 72 7.82 18.28 -5.07
N LYS A 73 9.06 18.62 -5.37
CA LYS A 73 9.55 18.49 -6.73
C LYS A 73 10.75 17.54 -6.81
N LEU A 74 10.92 16.97 -7.99
CA LEU A 74 11.81 15.84 -8.26
C LEU A 74 13.06 16.28 -8.97
N SER A 75 14.16 15.73 -8.52
CA SER A 75 15.40 15.74 -9.24
C SER A 75 15.84 14.29 -9.32
N ILE A 76 16.01 13.76 -10.54
CA ILE A 76 16.24 12.35 -10.74
C ILE A 76 17.58 12.10 -11.40
N GLU A 77 18.39 11.20 -10.81
CA GLU A 77 19.67 10.78 -11.37
C GLU A 77 19.63 9.30 -11.63
N GLY A 78 20.10 8.88 -12.80
CA GLY A 78 20.32 7.49 -13.09
C GLY A 78 19.26 6.83 -13.92
N VAL A 79 18.21 7.58 -14.27
CA VAL A 79 17.19 7.09 -15.15
C VAL A 79 17.62 7.44 -16.58
N ASN A 80 17.61 6.41 -17.42
CA ASN A 80 17.96 6.51 -18.84
C ASN A 80 16.76 6.36 -19.78
N GLN A 81 15.61 5.95 -19.28
CA GLN A 81 14.47 5.60 -20.12
C GLN A 81 13.17 6.17 -19.56
N TYR A 82 12.93 7.44 -19.83
CA TYR A 82 11.73 8.06 -19.45
C TYR A 82 10.65 7.69 -20.44
N LEU A 83 9.45 7.52 -19.91
CA LEU A 83 8.29 7.26 -20.74
C LEU A 83 7.93 8.57 -21.42
N THR A 84 7.78 8.57 -22.72
CA THR A 84 7.34 9.81 -23.38
C THR A 84 5.95 10.23 -22.93
N LYS A 85 5.68 11.53 -22.97
CA LYS A 85 4.35 12.02 -22.69
C LYS A 85 3.32 11.42 -23.61
N GLU A 86 3.67 11.25 -24.87
CA GLU A 86 2.77 10.62 -25.82
C GLU A 86 2.38 9.21 -25.38
N ALA A 87 3.39 8.43 -24.97
CA ALA A 87 3.15 7.07 -24.50
C ALA A 87 2.36 7.09 -23.19
N ARG A 88 2.67 8.02 -22.30
CA ARG A 88 1.90 8.12 -21.06
C ARG A 88 0.43 8.40 -21.41
N GLN A 89 0.23 9.39 -22.29
CA GLN A 89 -1.10 9.73 -22.76
C GLN A 89 -1.78 8.53 -23.36
N LYS A 90 -1.10 7.84 -24.28
CA LYS A 90 -1.65 6.68 -24.99
C LYS A 90 -2.11 5.58 -24.07
N HIS A 91 -1.42 5.39 -22.95
CA HIS A 91 -1.81 4.37 -21.97
C HIS A 91 -2.67 4.87 -20.80
N ALA A 92 -2.98 6.16 -20.74
CA ALA A 92 -3.67 6.73 -19.55
C ALA A 92 -5.11 6.23 -19.37
N THR A 93 -5.75 5.83 -20.46
CA THR A 93 -7.12 5.30 -20.41
C THR A 93 -7.15 3.80 -20.13
N GLU A 94 -6.04 3.12 -20.43
CA GLU A 94 -5.89 1.71 -20.12
C GLU A 94 -6.16 1.42 -18.63
N ASP A 95 -6.73 0.25 -18.39
CA ASP A 95 -6.79 -0.34 -17.06
C ASP A 95 -5.38 -0.47 -16.43
N ILE A 96 -5.29 -0.40 -15.10
CA ILE A 96 -4.02 -0.40 -14.37
C ILE A 96 -3.08 -1.56 -14.79
N LEU A 97 -3.63 -2.77 -14.90
CA LEU A 97 -2.83 -3.90 -15.29
C LEU A 97 -2.26 -3.74 -16.69
N GLN A 98 -3.06 -3.29 -17.64
N GLN A 98 -3.06 -3.30 -17.66
CA GLN A 98 -2.59 -3.06 -19.00
CA GLN A 98 -2.55 -3.09 -19.01
C GLN A 98 -1.62 -1.88 -19.08
C GLN A 98 -1.61 -1.87 -19.10
N GLN A 99 -1.83 -0.87 -18.23
CA GLN A 99 -0.92 0.27 -18.11
C GLN A 99 0.52 -0.18 -17.76
N TYR A 100 0.63 -1.24 -16.96
CA TYR A 100 1.92 -1.76 -16.52
C TYR A 100 2.31 -3.02 -17.22
N ASN A 101 1.61 -3.36 -18.29
CA ASN A 101 2.01 -4.45 -19.12
C ASN A 101 3.13 -3.93 -20.02
N THR A 102 4.36 -4.26 -19.64
CA THR A 102 5.53 -3.81 -20.35
C THR A 102 5.62 -4.36 -21.78
N ASP A 103 4.89 -5.44 -22.09
CA ASP A 103 4.81 -5.90 -23.48
C ASP A 103 4.15 -4.88 -24.41
N ASN A 104 3.32 -3.97 -23.87
CA ASN A 104 2.57 -2.99 -24.68
C ASN A 104 3.34 -1.71 -24.92
N TYR A 105 4.58 -1.64 -24.45
CA TYR A 105 5.46 -0.53 -24.73
C TYR A 105 6.61 -1.02 -25.59
N THR A 106 7.12 -0.14 -26.44
CA THR A 106 8.27 -0.43 -27.26
C THR A 106 9.32 0.62 -26.98
N ALA A 107 10.47 0.49 -27.59
CA ALA A 107 11.58 1.44 -27.38
C ALA A 107 11.22 2.88 -27.75
N SER A 108 10.42 3.05 -28.80
CA SER A 108 9.95 4.39 -29.18
C SER A 108 9.07 5.09 -28.13
N ASP A 109 8.60 4.36 -27.12
CA ASP A 109 7.86 4.97 -26.04
C ASP A 109 8.74 5.58 -24.97
N PHE A 110 10.05 5.47 -25.12
CA PHE A 110 10.97 5.95 -24.09
C PHE A 110 11.97 6.88 -24.69
N THR A 111 12.50 7.75 -23.85
CA THR A 111 13.50 8.70 -24.28
C THR A 111 14.45 8.88 -23.15
N GLN A 112 15.68 9.27 -23.49
CA GLN A 112 16.71 9.44 -22.50
C GLN A 112 16.62 10.79 -21.83
N ALA A 113 15.89 11.70 -22.43
CA ALA A 113 15.75 13.03 -21.88
C ALA A 113 14.42 13.15 -21.15
N ASN A 114 14.49 13.53 -19.89
CA ASN A 114 13.28 13.62 -19.08
C ASN A 114 12.32 14.65 -19.66
N PRO A 115 11.11 14.24 -20.07
CA PRO A 115 10.11 15.18 -20.56
C PRO A 115 9.21 15.75 -19.45
N TYR A 116 9.33 15.25 -18.22
CA TYR A 116 8.48 15.62 -17.10
C TYR A 116 9.07 16.78 -16.37
N ASP A 117 8.21 17.72 -16.05
CA ASP A 117 8.58 18.82 -15.20
C ASP A 117 8.97 18.25 -13.81
N PRO A 118 9.97 18.83 -13.12
CA PRO A 118 10.26 18.40 -11.73
C PRO A 118 9.07 18.36 -10.79
N LYS A 119 8.03 19.15 -11.07
CA LYS A 119 6.90 19.27 -10.19
C LYS A 119 5.85 18.23 -10.47
N GLU A 120 6.06 17.34 -11.41
CA GLU A 120 5.00 16.38 -11.72
C GLU A 120 5.50 14.96 -11.57
N ASP A 121 4.54 14.04 -11.47
CA ASP A 121 4.82 12.63 -11.37
C ASP A 121 5.52 12.26 -12.66
N THR A 122 6.50 11.40 -12.56
CA THR A 122 7.38 11.10 -13.66
C THR A 122 7.23 9.64 -13.94
N TRP A 123 7.32 9.28 -15.21
CA TRP A 123 7.25 7.89 -15.59
C TRP A 123 8.55 7.48 -16.27
N PHE A 124 9.07 6.32 -15.90
CA PHE A 124 10.25 5.81 -16.52
C PHE A 124 10.34 4.31 -16.36
N LYS A 125 11.19 3.73 -17.19
CA LYS A 125 11.52 2.34 -17.06
C LYS A 125 12.75 2.23 -16.19
N MET A 126 12.67 1.39 -15.16
CA MET A 126 13.86 1.07 -14.39
C MET A 126 14.42 -0.18 -15.00
N LYS A 127 15.73 -0.30 -14.84
CA LYS A 127 16.50 -1.38 -15.37
C LYS A 127 17.10 -2.15 -14.20
N VAL A 128 17.06 -3.47 -14.25
CA VAL A 128 17.64 -4.27 -13.18
C VAL A 128 19.07 -3.87 -12.91
N GLY A 129 19.39 -3.67 -11.64
CA GLY A 129 20.75 -3.46 -11.20
C GLY A 129 21.22 -2.04 -11.26
N ASP A 130 20.42 -1.12 -11.77
CA ASP A 130 20.87 0.23 -11.98
C ASP A 130 20.21 1.14 -10.95
N GLN A 131 20.97 1.54 -9.96
CA GLN A 131 20.46 2.42 -8.90
C GLN A 131 20.06 3.77 -9.48
N ILE A 132 18.92 4.29 -9.05
CA ILE A 132 18.55 5.65 -9.35
C ILE A 132 18.45 6.42 -8.05
N SER A 133 18.66 7.71 -8.13
CA SER A 133 18.62 8.54 -6.96
C SER A 133 17.63 9.66 -7.23
N VAL A 134 16.62 9.78 -6.38
CA VAL A 134 15.59 10.80 -6.52
C VAL A 134 15.66 11.72 -5.34
N THR A 135 15.91 13.00 -5.62
CA THR A 135 15.90 14.00 -4.62
C THR A 135 14.56 14.78 -4.71
N TYR A 136 13.90 14.90 -3.56
CA TYR A 136 12.61 15.56 -3.47
C TYR A 136 12.86 16.78 -2.62
N ASP A 137 12.63 17.94 -3.17
CA ASP A 137 12.69 19.09 -2.31
C ASP A 137 11.41 19.91 -2.44
N ASN A 138 11.36 21.05 -1.78
CA ASN A 138 10.09 21.74 -1.49
C ASN A 138 9.22 20.88 -0.56
N ILE A 139 9.81 20.59 0.60
CA ILE A 139 9.24 19.72 1.59
C ILE A 139 8.73 20.68 2.64
N VAL A 140 7.43 20.69 2.80
CA VAL A 140 6.78 21.74 3.59
C VAL A 140 6.23 21.32 4.93
N ASN A 141 5.80 20.06 5.07
CA ASN A 141 4.99 19.59 6.20
C ASN A 141 5.70 18.58 7.07
N SER A 142 6.99 18.32 6.79
CA SER A 142 7.63 17.17 7.42
C SER A 142 8.72 17.51 8.38
N LYS A 143 8.85 16.65 9.39
CA LYS A 143 9.89 16.82 10.37
C LYS A 143 10.25 15.50 10.97
N TYR A 144 11.43 15.48 11.58
CA TYR A 144 11.85 14.34 12.36
C TYR A 144 12.42 14.86 13.64
N ASN A 145 11.82 14.44 14.76
CA ASN A 145 12.27 14.90 16.10
C ASN A 145 12.48 16.40 16.13
N ASP A 146 11.48 17.09 15.62
CA ASP A 146 11.49 18.56 15.57
C ASP A 146 12.57 19.19 14.70
N LYS A 147 13.16 18.41 13.79
CA LYS A 147 14.06 18.94 12.78
C LYS A 147 13.20 19.02 11.56
N LYS A 148 12.93 20.22 11.09
CA LYS A 148 12.20 20.34 9.85
C LYS A 148 13.00 19.63 8.75
N ILE A 149 12.31 18.87 7.94
CA ILE A 149 12.92 18.17 6.81
C ILE A 149 12.86 19.07 5.57
N SER A 150 14.00 19.32 4.96
CA SER A 150 14.10 20.24 3.81
C SER A 150 14.12 19.52 2.50
N LYS A 151 14.45 18.24 2.56
CA LYS A 151 14.77 17.52 1.34
C LYS A 151 14.76 16.06 1.73
N VAL A 152 14.39 15.21 0.77
CA VAL A 152 14.42 13.81 0.94
C VAL A 152 15.12 13.22 -0.27
N LYS A 153 16.01 12.27 -0.04
CA LYS A 153 16.60 11.53 -1.12
C LYS A 153 16.20 10.09 -0.98
N ILE A 154 15.75 9.50 -2.08
CA ILE A 154 15.44 8.11 -2.10
C ILE A 154 16.20 7.48 -3.23
N ASN A 155 16.97 6.46 -2.90
CA ASN A 155 17.60 5.64 -3.87
C ASN A 155 16.77 4.44 -4.12
N TYR A 156 16.64 4.07 -5.40
CA TYR A 156 15.86 2.91 -5.73
C TYR A 156 16.71 2.07 -6.65
N THR A 157 16.63 0.76 -6.47
CA THR A 157 17.32 -0.16 -7.29
C THR A 157 16.37 -1.29 -7.61
N LEU A 158 16.16 -1.52 -8.89
CA LEU A 158 15.35 -2.66 -9.33
C LEU A 158 16.27 -3.90 -9.32
N ASN A 159 15.96 -4.88 -8.49
CA ASN A 159 16.80 -6.09 -8.41
C ASN A 159 16.39 -7.19 -9.34
N SER A 160 15.11 -7.22 -9.64
CA SER A 160 14.56 -8.20 -10.53
C SER A 160 13.22 -7.73 -11.00
N SER A 161 12.77 -8.34 -12.07
CA SER A 161 11.48 -8.07 -12.61
C SER A 161 10.78 -9.36 -12.90
N THR A 162 9.50 -9.24 -13.11
CA THR A 162 8.69 -10.35 -13.58
C THR A 162 8.70 -10.48 -15.10
N ASN A 163 9.26 -9.50 -15.81
CA ASN A 163 9.30 -9.60 -17.24
C ASN A 163 10.64 -10.23 -17.64
N ASN A 164 10.88 -10.36 -18.95
CA ASN A 164 12.10 -10.99 -19.44
C ASN A 164 13.03 -9.97 -20.05
N GLU A 165 12.87 -8.72 -19.63
CA GLU A 165 13.57 -7.59 -20.20
C GLU A 165 14.42 -6.94 -19.10
N GLY A 166 14.33 -7.41 -17.85
CA GLY A 166 15.11 -6.84 -16.74
C GLY A 166 14.69 -5.40 -16.50
N SER A 167 13.40 -5.18 -16.57
CA SER A 167 12.88 -3.83 -16.50
C SER A 167 11.53 -3.80 -15.84
N ALA A 168 11.16 -2.62 -15.37
CA ALA A 168 9.83 -2.42 -14.89
C ALA A 168 9.47 -0.97 -15.13
N LEU A 169 8.20 -0.73 -15.38
CA LEU A 169 7.68 0.61 -15.56
C LEU A 169 7.36 1.21 -14.20
N VAL A 170 7.76 2.45 -14.01
CA VAL A 170 7.60 3.15 -12.77
C VAL A 170 6.85 4.45 -13.00
N ASN A 171 5.87 4.68 -12.14
CA ASN A 171 5.27 5.97 -11.95
C ASN A 171 5.84 6.45 -10.63
N LEU A 172 6.69 7.46 -10.70
CA LEU A 172 7.36 7.99 -9.58
C LEU A 172 6.60 9.26 -9.19
N PHE A 173 6.00 9.22 -8.02
CA PHE A 173 5.22 10.36 -7.52
C PHE A 173 6.13 11.48 -7.13
N HIS A 174 5.74 12.70 -7.47
CA HIS A 174 6.60 13.83 -7.09
C HIS A 174 6.52 14.04 -5.57
N ASP A 175 5.44 13.54 -4.97
CA ASP A 175 5.29 13.48 -3.52
C ASP A 175 6.01 12.20 -3.02
N PRO A 176 7.14 12.34 -2.33
CA PRO A 176 7.87 11.14 -1.89
C PRO A 176 7.10 10.24 -0.91
N THR A 177 6.09 10.77 -0.20
CA THR A 177 5.26 9.98 0.72
C THR A 177 4.32 9.04 -0.03
N LYS A 178 4.20 9.21 -1.34
CA LYS A 178 3.42 8.31 -2.18
C LYS A 178 4.32 7.29 -2.88
N THR A 179 5.61 7.62 -2.95
CA THR A 179 6.68 6.76 -3.29
C THR A 179 6.60 6.30 -4.72
N ILE A 180 6.26 5.05 -5.00
CA ILE A 180 6.46 4.49 -6.33
C ILE A 180 5.32 3.54 -6.67
N PHE A 181 4.92 3.54 -7.91
CA PHE A 181 3.94 2.60 -8.40
C PHE A 181 4.75 1.90 -9.52
N ILE A 182 4.99 0.62 -9.38
CA ILE A 182 5.86 -0.08 -10.28
C ILE A 182 5.19 -1.34 -10.77
N GLY A 183 5.48 -1.72 -12.00
CA GLY A 183 4.91 -2.92 -12.52
C GLY A 183 5.54 -3.34 -13.78
N ALA A 184 5.24 -4.58 -14.17
CA ALA A 184 5.80 -5.17 -15.37
C ALA A 184 4.92 -6.31 -15.77
N GLN A 185 5.05 -6.76 -17.01
CA GLN A 185 4.37 -7.97 -17.41
C GLN A 185 4.97 -9.10 -16.58
N THR A 186 4.16 -10.12 -16.34
CA THR A 186 4.61 -11.36 -15.76
C THR A 186 4.80 -12.25 -16.95
N SER A 187 6.03 -12.28 -17.44
CA SER A 187 6.35 -12.94 -18.71
C SER A 187 6.31 -14.44 -18.61
N ASN A 188 6.63 -14.98 -17.44
CA ASN A 188 6.83 -16.43 -17.29
C ASN A 188 5.78 -17.08 -16.44
N ALA A 189 5.53 -18.35 -16.71
CA ALA A 189 4.71 -19.15 -15.82
C ALA A 189 5.47 -19.60 -14.57
N GLY A 190 4.73 -20.04 -13.57
CA GLY A 190 5.30 -20.70 -12.39
C GLY A 190 5.46 -19.80 -11.16
N ARG A 191 5.07 -18.54 -11.27
CA ARG A 191 4.79 -17.70 -10.10
C ARG A 191 6.00 -17.38 -9.25
N ASN A 192 7.19 -17.56 -9.79
CA ASN A 192 8.39 -17.46 -9.00
C ASN A 192 9.23 -16.26 -9.34
N ASP A 193 8.81 -15.43 -10.30
CA ASP A 193 9.53 -14.21 -10.56
C ASP A 193 8.93 -13.12 -9.70
N LYS A 194 9.72 -12.09 -9.48
CA LYS A 194 9.25 -10.99 -8.71
C LYS A 194 9.88 -9.69 -9.14
N ILE A 195 9.15 -8.62 -8.89
CA ILE A 195 9.70 -7.29 -8.92
C ILE A 195 10.27 -7.05 -7.57
N SER A 196 11.50 -6.58 -7.48
CA SER A 196 12.10 -6.38 -6.23
C SER A 196 12.85 -5.11 -6.33
N VAL A 197 12.60 -4.20 -5.40
CA VAL A 197 13.22 -2.90 -5.41
C VAL A 197 13.83 -2.66 -4.07
N THR A 198 15.07 -2.24 -4.05
CA THR A 198 15.70 -1.89 -2.83
C THR A 198 15.67 -0.42 -2.77
N MET A 199 15.32 0.11 -1.61
CA MET A 199 15.34 1.54 -1.47
C MET A 199 15.97 1.95 -0.18
N GLN A 200 16.40 3.19 -0.19
CA GLN A 200 16.90 3.79 1.00
C GLN A 200 16.47 5.22 0.97
N ILE A 201 16.01 5.71 2.11
CA ILE A 201 15.47 7.05 2.25
C ILE A 201 16.39 7.83 3.17
N ILE A 202 16.80 9.01 2.73
CA ILE A 202 17.56 9.89 3.53
C ILE A 202 16.79 11.17 3.68
N PHE A 203 16.63 11.61 4.90
CA PHE A 203 16.03 12.89 5.18
C PHE A 203 17.13 13.91 5.45
N TYR A 204 16.88 15.16 5.09
CA TYR A 204 17.83 16.22 5.29
C TYR A 204 17.18 17.32 6.11
N ASP A 205 17.97 17.96 6.93
CA ASP A 205 17.52 19.01 7.80
C ASP A 205 17.62 20.34 7.06
N GLU A 206 17.27 21.42 7.70
CA GLU A 206 17.19 22.70 6.98
C GLU A 206 18.57 23.19 6.62
N ASN A 207 19.60 22.70 7.29
CA ASN A 207 20.96 23.06 6.89
C ASN A 207 21.56 22.19 5.80
N GLY A 208 20.74 21.25 5.30
CA GLY A 208 21.13 20.35 4.24
C GLY A 208 21.90 19.13 4.69
N ASN A 209 21.96 18.89 5.99
CA ASN A 209 22.64 17.72 6.55
C ASN A 209 21.68 16.57 6.66
N GLU A 210 22.22 15.37 6.43
CA GLU A 210 21.42 14.18 6.57
C GLU A 210 21.05 14.03 8.04
N ILE A 211 19.84 13.56 8.30
CA ILE A 211 19.34 13.45 9.65
C ILE A 211 19.65 12.07 10.16
N ASP A 212 20.27 12.04 11.30
CA ASP A 212 20.60 10.80 11.99
C ASP A 212 19.33 10.22 12.58
N LEU A 213 18.98 9.02 12.15
CA LEU A 213 17.79 8.33 12.62
C LEU A 213 18.02 7.33 13.76
N SER A 214 19.21 7.41 14.37
CA SER A 214 19.62 6.45 15.40
C SER A 214 18.90 6.59 16.71
N GLY A 215 18.07 7.62 16.87
CA GLY A 215 17.19 7.73 18.02
C GLY A 215 16.04 6.79 17.86
N ASN A 216 15.92 6.12 16.69
CA ASN A 216 14.89 5.13 16.48
C ASN A 216 13.46 5.68 16.62
N ASN A 217 13.28 6.93 16.17
CA ASN A 217 12.01 7.57 16.19
C ASN A 217 11.32 7.63 14.85
N ALA A 218 11.87 7.02 13.81
CA ALA A 218 11.33 7.15 12.49
C ALA A 218 10.55 5.89 12.30
N ILE A 219 9.27 5.97 12.61
CA ILE A 219 8.40 4.83 12.43
C ILE A 219 7.72 5.00 11.10
N MET A 220 7.89 4.01 10.23
CA MET A 220 7.41 4.16 8.87
C MET A 220 6.47 3.04 8.58
N SER A 221 5.46 3.37 7.81
CA SER A 221 4.44 2.44 7.41
C SER A 221 4.98 1.49 6.34
N LEU A 222 4.52 0.26 6.40
CA LEU A 222 4.70 -0.73 5.35
C LEU A 222 3.29 -1.30 5.15
N SER A 223 2.41 -0.47 4.61
CA SER A 223 0.99 -0.83 4.50
C SER A 223 0.72 -1.60 3.24
N SER A 224 -0.47 -2.18 3.16
CA SER A 224 -0.99 -2.68 1.91
C SER A 224 -0.07 -3.75 1.35
N LEU A 225 0.31 -4.68 2.22
CA LEU A 225 1.06 -5.84 1.82
C LEU A 225 0.04 -6.93 1.50
N ASN A 226 -0.51 -6.86 0.31
CA ASN A 226 -1.53 -7.79 -0.14
C ASN A 226 -0.97 -9.17 -0.41
N HIS A 227 -1.77 -10.17 -0.10
CA HIS A 227 -1.46 -11.50 -0.49
C HIS A 227 -2.80 -12.00 -0.97
N TRP A 228 -2.91 -12.25 -2.26
CA TRP A 228 -4.11 -12.90 -2.74
C TRP A 228 -3.73 -14.17 -3.46
N THR A 229 -4.62 -15.13 -3.40
CA THR A 229 -4.40 -16.40 -4.03
C THR A 229 -5.67 -16.72 -4.77
N THR A 230 -5.60 -16.66 -6.11
CA THR A 230 -6.73 -17.00 -6.97
C THR A 230 -6.20 -17.92 -8.07
N LYS A 231 -7.05 -18.26 -9.02
CA LYS A 231 -6.58 -19.02 -10.16
C LYS A 231 -5.56 -18.23 -11.00
N TYR A 232 -5.49 -16.90 -10.81
CA TYR A 232 -4.62 -16.03 -11.58
C TYR A 232 -3.33 -15.67 -10.88
N GLY A 233 -3.09 -16.24 -9.71
CA GLY A 233 -1.80 -16.04 -9.06
C GLY A 233 -1.80 -16.30 -7.59
N ASP A 234 -0.60 -16.41 -7.05
CA ASP A 234 -0.39 -16.41 -5.62
C ASP A 234 0.47 -15.19 -5.32
N HIS A 235 -0.19 -14.05 -5.38
CA HIS A 235 0.42 -12.74 -5.40
C HIS A 235 0.78 -12.36 -4.00
N VAL A 236 2.03 -12.06 -3.71
CA VAL A 236 2.40 -11.73 -2.36
C VAL A 236 3.35 -10.57 -2.42
N GLU A 237 3.08 -9.59 -1.57
CA GLU A 237 3.92 -8.41 -1.43
C GLU A 237 4.69 -8.57 -0.18
N LYS A 238 5.99 -8.33 -0.26
CA LYS A 238 6.88 -8.61 0.87
C LYS A 238 7.86 -7.47 1.03
N VAL A 239 8.31 -7.26 2.25
CA VAL A 239 9.36 -6.30 2.50
C VAL A 239 10.43 -7.00 3.28
N ASN A 240 11.65 -6.88 2.81
CA ASN A 240 12.80 -7.27 3.59
C ASN A 240 13.31 -6.02 4.23
N LEU A 241 13.29 -6.01 5.55
CA LEU A 241 13.55 -4.81 6.29
C LEU A 241 15.04 -4.52 6.42
N GLY A 242 15.91 -5.49 6.04
CA GLY A 242 17.34 -5.35 6.22
C GLY A 242 17.60 -5.04 7.68
N ASP A 243 18.43 -4.04 7.92
CA ASP A 243 18.80 -3.67 9.28
C ASP A 243 17.75 -2.77 10.01
N ASN A 244 16.61 -2.51 9.39
CA ASN A 244 15.55 -1.75 10.01
C ASN A 244 14.72 -2.72 10.84
N GLU A 245 13.93 -2.22 11.76
CA GLU A 245 13.27 -3.09 12.73
C GLU A 245 11.79 -3.20 12.44
N PHE A 246 11.30 -4.42 12.45
CA PHE A 246 9.88 -4.65 12.24
C PHE A 246 9.09 -4.25 13.46
N VAL A 247 8.00 -3.54 13.19
CA VAL A 247 7.04 -3.21 14.20
C VAL A 247 5.74 -3.88 13.78
N LYS A 248 5.34 -4.86 14.57
CA LYS A 248 4.14 -5.65 14.29
C LYS A 248 2.88 -4.83 14.60
N ILE A 249 1.90 -4.89 13.71
CA ILE A 249 0.66 -4.19 13.90
C ILE A 249 -0.30 -5.24 14.44
N PRO A 250 -0.84 -5.03 15.66
CA PRO A 250 -1.79 -5.97 16.27
C PRO A 250 -2.96 -6.25 15.37
N GLY A 251 -3.29 -7.53 15.23
CA GLY A 251 -4.37 -7.94 14.39
C GLY A 251 -3.99 -7.99 12.94
N SER A 252 -2.78 -7.54 12.55
CA SER A 252 -2.43 -7.53 11.15
C SER A 252 -2.21 -8.94 10.63
N SER A 253 -2.55 -9.16 9.37
CA SER A 253 -2.18 -10.41 8.68
C SER A 253 -0.66 -10.48 8.43
N VAL A 254 0.04 -9.35 8.55
CA VAL A 254 1.43 -9.23 8.21
C VAL A 254 2.30 -9.52 9.42
N ASP A 255 3.25 -10.43 9.24
CA ASP A 255 4.16 -10.83 10.28
C ASP A 255 5.54 -11.13 9.71
N LEU A 256 6.52 -11.25 10.59
CA LEU A 256 7.89 -11.53 10.24
C LEU A 256 8.05 -12.99 9.89
N HIS A 257 8.66 -13.24 8.74
CA HIS A 257 9.03 -14.59 8.31
C HIS A 257 10.48 -14.55 7.83
N GLY A 258 11.41 -14.80 8.74
CA GLY A 258 12.83 -14.55 8.45
C GLY A 258 13.17 -13.10 8.70
N ASN A 259 13.69 -12.40 7.69
CA ASN A 259 13.82 -10.93 7.80
C ASN A 259 12.88 -10.19 6.81
N GLU A 260 11.99 -10.99 6.19
CA GLU A 260 10.86 -10.49 5.39
C GLU A 260 9.53 -10.44 6.14
N ILE A 261 8.77 -9.39 5.91
CA ILE A 261 7.44 -9.28 6.40
C ILE A 261 6.44 -9.38 5.28
N TYR A 262 5.39 -10.12 5.55
CA TYR A 262 4.32 -10.31 4.61
C TYR A 262 3.23 -11.10 5.31
N SER A 263 2.11 -11.22 4.63
CA SER A 263 0.99 -12.03 5.08
C SER A 263 1.21 -13.40 4.52
N ALA A 264 1.47 -14.36 5.40
CA ALA A 264 1.72 -15.74 5.02
C ALA A 264 0.51 -16.35 4.31
N LYS A 265 -0.67 -15.93 4.69
CA LYS A 265 -1.92 -16.43 4.07
C LYS A 265 -2.62 -15.31 3.32
N ASP A 266 -3.57 -15.68 2.47
CA ASP A 266 -4.41 -14.72 1.75
C ASP A 266 -5.02 -13.74 2.77
N ASN A 267 -4.88 -12.45 2.48
CA ASN A 267 -5.48 -11.41 3.30
C ASN A 267 -6.38 -10.53 2.43
N GLN A 268 -6.69 -10.98 1.23
CA GLN A 268 -7.42 -10.17 0.28
C GLN A 268 -8.90 -10.57 0.20
N TYR A 269 -9.19 -11.86 0.31
CA TYR A 269 -10.55 -12.41 0.11
C TYR A 269 -10.99 -13.21 1.32
N LYS A 270 -12.07 -12.78 1.94
CA LYS A 270 -12.71 -13.61 2.97
C LYS A 270 -13.01 -15.00 2.47
N ALA A 271 -13.37 -15.14 1.20
CA ALA A 271 -13.54 -16.47 0.58
C ALA A 271 -12.28 -17.33 0.74
N ASN A 272 -11.10 -16.71 0.81
CA ASN A 272 -9.84 -17.44 1.03
C ASN A 272 -9.34 -17.42 2.47
N GLY A 273 -10.19 -17.04 3.41
CA GLY A 273 -9.83 -17.05 4.82
C GLY A 273 -9.45 -15.70 5.38
N ALA A 274 -9.46 -14.64 4.58
CA ALA A 274 -9.16 -13.31 5.11
C ALA A 274 -10.26 -12.86 6.06
N THR A 275 -9.85 -12.07 7.03
CA THR A 275 -10.74 -11.48 7.98
C THR A 275 -11.59 -10.38 7.36
N PHE A 276 -10.99 -9.63 6.44
CA PHE A 276 -11.62 -8.53 5.73
C PHE A 276 -11.33 -8.69 4.25
N ASN A 277 -12.28 -8.24 3.43
CA ASN A 277 -12.02 -8.15 2.02
C ASN A 277 -11.19 -6.91 1.74
N GLY A 278 -10.22 -7.07 0.86
CA GLY A 278 -9.35 -5.99 0.46
C GLY A 278 -9.95 -5.10 -0.58
N ASP A 279 -10.77 -5.69 -1.46
CA ASP A 279 -11.29 -5.04 -2.65
C ASP A 279 -12.48 -4.15 -2.34
N GLY A 280 -12.74 -3.24 -3.27
CA GLY A 280 -13.93 -2.39 -3.24
C GLY A 280 -13.64 -1.08 -2.54
N ALA A 281 -14.63 -0.19 -2.57
CA ALA A 281 -14.54 1.10 -1.88
C ALA A 281 -14.48 1.00 -0.33
N ASP A 282 -14.96 -0.11 0.25
CA ASP A 282 -14.88 -0.30 1.71
C ASP A 282 -14.06 -1.53 2.12
N GLY A 283 -13.31 -2.09 1.18
CA GLY A 283 -12.34 -3.10 1.51
C GLY A 283 -11.20 -2.45 2.27
N TRP A 284 -10.45 -3.27 3.00
CA TRP A 284 -9.35 -2.77 3.85
C TRP A 284 -8.26 -2.07 3.08
N ASP A 285 -8.09 -2.43 1.80
CA ASP A 285 -7.03 -1.87 0.99
C ASP A 285 -7.47 -0.65 0.17
N ALA A 286 -8.69 -0.14 0.40
CA ALA A 286 -9.18 1.01 -0.35
C ALA A 286 -8.34 2.24 -0.04
N VAL A 287 -7.95 2.97 -1.08
CA VAL A 287 -7.16 4.19 -0.90
C VAL A 287 -7.75 5.31 -1.73
N ASN A 288 -7.49 6.54 -1.25
CA ASN A 288 -7.69 7.75 -2.06
C ASN A 288 -6.65 7.82 -3.16
N ALA A 289 -6.85 8.74 -4.10
CA ALA A 289 -5.84 9.12 -5.10
C ALA A 289 -4.49 9.50 -4.46
N ASP A 290 -4.53 10.09 -3.27
CA ASP A 290 -3.33 10.52 -2.55
C ASP A 290 -2.60 9.35 -1.88
N GLY A 291 -3.14 8.13 -2.04
CA GLY A 291 -2.59 6.93 -1.42
C GLY A 291 -3.02 6.70 0.02
N THR A 292 -3.80 7.63 0.57
CA THR A 292 -4.22 7.53 1.96
C THR A 292 -5.34 6.48 2.06
N PRO A 293 -5.22 5.50 2.99
CA PRO A 293 -6.29 4.49 3.16
C PRO A 293 -7.67 5.08 3.41
N ARG A 294 -8.69 4.56 2.75
CA ARG A 294 -10.10 4.91 3.00
C ARG A 294 -10.64 4.17 4.23
N ALA A 295 -9.98 3.07 4.64
CA ALA A 295 -10.58 2.07 5.49
C ALA A 295 -9.94 2.02 6.87
N ALA A 296 -10.79 1.96 7.91
CA ALA A 296 -10.32 1.75 9.29
C ALA A 296 -9.63 0.40 9.48
N THR A 297 -9.90 -0.53 8.58
CA THR A 297 -9.29 -1.84 8.62
C THR A 297 -7.96 -1.94 7.84
N ALA A 298 -7.38 -0.84 7.35
CA ALA A 298 -6.12 -0.86 6.63
C ALA A 298 -4.99 -1.60 7.42
N TYR A 299 -5.03 -1.52 8.75
CA TYR A 299 -4.07 -2.20 9.63
C TYR A 299 -3.91 -3.67 9.29
N TYR A 300 -4.99 -4.29 8.81
CA TYR A 300 -5.01 -5.69 8.52
C TYR A 300 -3.93 -6.14 7.53
N GLY A 301 -3.56 -5.32 6.55
CA GLY A 301 -2.61 -5.69 5.53
C GLY A 301 -1.32 -4.92 5.72
N ALA A 302 -1.13 -4.42 6.93
CA ALA A 302 -0.03 -3.49 7.23
C ALA A 302 1.01 -4.05 8.18
N GLY A 303 2.22 -3.58 7.98
CA GLY A 303 3.21 -3.61 9.01
C GLY A 303 3.78 -2.22 9.16
N ALA A 304 4.88 -2.20 9.87
CA ALA A 304 5.56 -0.95 10.12
C ALA A 304 6.99 -1.27 10.41
N MET A 305 7.81 -0.25 10.43
CA MET A 305 9.18 -0.45 10.79
C MET A 305 9.67 0.72 11.56
N THR A 306 10.66 0.47 12.41
CA THR A 306 11.50 1.56 12.89
C THR A 306 12.55 1.68 11.82
N TYR A 307 12.52 2.79 11.08
CA TYR A 307 13.39 2.94 9.96
C TYR A 307 14.68 3.57 10.47
N LYS A 308 15.79 2.86 10.31
CA LYS A 308 17.10 3.29 10.84
C LYS A 308 18.00 3.93 9.82
N GLY A 309 17.45 4.23 8.63
CA GLY A 309 18.20 4.85 7.59
C GLY A 309 18.97 3.86 6.73
N GLU A 310 18.56 2.61 6.71
CA GLU A 310 19.32 1.57 6.03
C GLU A 310 18.44 0.99 4.95
N PRO A 311 19.07 0.41 3.90
CA PRO A 311 18.23 -0.03 2.81
C PRO A 311 17.20 -1.06 3.23
N PHE A 312 16.15 -1.15 2.47
CA PHE A 312 15.19 -2.21 2.62
C PHE A 312 14.73 -2.56 1.25
N THR A 313 13.98 -3.66 1.09
CA THR A 313 13.64 -4.10 -0.22
C THR A 313 12.21 -4.54 -0.23
N PHE A 314 11.42 -4.10 -1.18
CA PHE A 314 10.08 -4.64 -1.31
C PHE A 314 10.02 -5.53 -2.50
N THR A 315 9.16 -6.54 -2.43
CA THR A 315 9.07 -7.45 -3.54
C THR A 315 7.63 -7.78 -3.75
N VAL A 316 7.29 -8.04 -4.99
CA VAL A 316 5.94 -8.52 -5.31
C VAL A 316 6.08 -9.53 -6.41
N GLY A 317 5.33 -10.61 -6.29
CA GLY A 317 5.42 -11.61 -7.30
C GLY A 317 4.38 -12.66 -7.03
N GLY A 318 4.32 -13.63 -7.89
CA GLY A 318 3.39 -14.73 -7.72
C GLY A 318 2.26 -14.75 -8.69
N ASN A 319 2.13 -13.71 -9.54
CA ASN A 319 1.09 -13.72 -10.57
C ASN A 319 1.35 -14.81 -11.59
N ASP A 320 0.29 -15.37 -12.12
CA ASP A 320 0.42 -16.19 -13.29
C ASP A 320 0.97 -15.39 -14.47
N GLN A 321 1.59 -16.12 -15.36
CA GLN A 321 1.93 -15.63 -16.68
C GLN A 321 0.83 -14.76 -17.31
N ASN A 322 1.26 -13.62 -17.86
CA ASN A 322 0.41 -12.67 -18.60
C ASN A 322 -0.50 -11.82 -17.75
N LEU A 323 -0.41 -11.93 -16.43
CA LEU A 323 -1.10 -11.03 -15.58
C LEU A 323 -0.06 -10.07 -15.00
N PRO A 324 -0.03 -8.83 -15.47
CA PRO A 324 1.09 -7.97 -15.04
C PRO A 324 1.14 -7.81 -13.56
N THR A 325 2.35 -7.68 -13.05
CA THR A 325 2.62 -7.61 -11.65
C THR A 325 2.78 -6.14 -11.32
N THR A 326 2.06 -5.65 -10.33
CA THR A 326 2.12 -4.24 -9.99
C THR A 326 2.11 -4.10 -8.47
N ILE A 327 2.72 -3.04 -8.00
CA ILE A 327 2.59 -2.69 -6.61
C ILE A 327 2.71 -1.19 -6.52
N TRP A 328 1.84 -0.60 -5.73
CA TRP A 328 2.05 0.75 -5.27
C TRP A 328 2.68 0.60 -3.92
N PHE A 329 3.94 0.94 -3.80
CA PHE A 329 4.61 0.77 -2.56
C PHE A 329 4.87 2.17 -2.10
N ALA A 330 4.45 2.48 -0.89
CA ALA A 330 4.54 3.80 -0.33
C ALA A 330 4.96 3.54 1.10
N THR A 331 5.86 4.36 1.59
CA THR A 331 6.21 4.28 2.98
C THR A 331 6.33 5.71 3.44
N ASN A 332 5.82 5.97 4.62
CA ASN A 332 5.65 7.32 5.13
C ASN A 332 5.38 7.15 6.61
N SER A 333 5.06 8.21 7.32
CA SER A 333 4.81 8.08 8.74
C SER A 333 3.38 7.67 9.07
N ALA A 334 2.52 7.44 8.08
CA ALA A 334 1.11 7.16 8.34
C ALA A 334 0.94 5.68 8.58
N VAL A 335 1.29 5.24 9.78
CA VAL A 335 1.23 3.82 10.09
C VAL A 335 -0.24 3.44 10.25
N ALA A 336 -0.62 2.33 9.66
CA ALA A 336 -1.99 1.87 9.68
C ALA A 336 -2.16 1.03 10.91
N VAL A 337 -2.79 1.59 11.93
CA VAL A 337 -2.99 0.87 13.17
C VAL A 337 -4.46 0.54 13.33
N PRO A 338 -4.79 -0.44 14.18
CA PRO A 338 -6.20 -0.71 14.40
C PRO A 338 -6.87 0.48 15.08
N LYS A 339 -8.07 0.80 14.62
CA LYS A 339 -8.86 1.90 15.14
C LYS A 339 -10.11 1.42 15.85
N ASP A 340 -10.75 2.35 16.55
CA ASP A 340 -11.99 2.14 17.28
C ASP A 340 -13.05 1.71 16.29
N PRO A 341 -13.57 0.48 16.43
CA PRO A 341 -14.59 0.03 15.50
C PRO A 341 -16.00 0.55 15.82
N GLY A 342 -16.15 1.27 16.93
CA GLY A 342 -17.45 1.79 17.36
C GLY A 342 -18.31 0.74 18.06
N ALA A 343 -19.63 0.92 17.95
CA ALA A 343 -20.58 0.02 18.57
C ALA A 343 -20.60 -1.34 17.87
N LYS A 344 -20.78 -2.40 18.65
CA LYS A 344 -21.05 -3.72 18.08
C LYS A 344 -22.29 -3.61 17.18
N PRO A 345 -22.20 -4.12 15.93
CA PRO A 345 -23.40 -4.08 15.10
C PRO A 345 -24.53 -4.83 15.79
N THR A 346 -25.75 -4.37 15.57
CA THR A 346 -26.92 -5.01 16.17
C THR A 346 -27.71 -5.70 15.06
N PRO A 347 -28.34 -6.84 15.36
CA PRO A 347 -29.08 -7.52 14.31
C PRO A 347 -30.22 -6.66 13.76
N PRO A 348 -30.61 -6.88 12.49
CA PRO A 348 -31.70 -6.09 11.95
C PRO A 348 -33.02 -6.53 12.56
N GLU A 349 -34.01 -5.64 12.53
CA GLU A 349 -35.34 -5.97 13.04
C GLU A 349 -36.00 -6.97 12.10
N LYS A 350 -36.42 -8.10 12.66
CA LYS A 350 -37.19 -9.10 11.93
C LYS A 350 -38.51 -8.47 11.48
N PRO A 351 -38.76 -8.39 10.17
CA PRO A 351 -40.08 -7.90 9.75
C PRO A 351 -41.16 -8.93 10.07
N GLU A 352 -42.27 -8.47 10.65
CA GLU A 352 -43.39 -9.34 11.06
C GLU A 352 -44.71 -8.78 10.56
#